data_4LXJ
#
_entry.id   4LXJ
#
_cell.length_a   78.213
_cell.length_b   67.005
_cell.length_c   80.378
_cell.angle_alpha   90.00
_cell.angle_beta   99.54
_cell.angle_gamma   90.00
#
_symmetry.space_group_name_H-M   'P 1 21 1'
#
loop_
_entity.id
_entity.type
_entity.pdbx_description
1 polymer 'Lanosterol 14-alpha demethylase'
2 non-polymer 'PROTOPORPHYRIN IX CONTAINING FE'
3 non-polymer LANOSTEROL
4 non-polymer 'OXYGEN MOLECULE'
5 water water
#
_entity_poly.entity_id   1
_entity_poly.type   'polypeptide(L)'
_entity_poly.pdbx_seq_one_letter_code
;MSATKSIVGEALEYVNIGLSHFLALPLAQRISLIIIIPFIYNIVWQLLYSLRKDRPPLVFYWIPWVGSAVVYGMKPYEFF
EECQKKYGDIFSFVLLGRVMTVYLGPKGHEFVFNAKLADVSAEAAYAHLTTPVFGKGVIYDCPNSRLMEQKKFVKGALTK
EAFKSYVPLIAEEVYKYFRDSKNFRLNERTTGTIDVMVTQPEMTIFTASRSLLGKEMRAKLDTDFAYLYSDLDKGFTPIN
FVFPNLPLEHYRKRDHAQKAISGTYMSLIKERRKNNDIQDRDLIDSLMKNSTYKDGVKMTDQEIANLLIGVLMGGQHTSA
ATSAWILLHLAERPDVQQELYEEQMRVLDGGKKELTYDLLQEMPLLNQTIKETLRMHHPLHSLFRKVMKDMHVPNTSYVI
PAGYHVLVSPGYTHLRDEYFPNAHQFNIHRWNNDSASSYSVGEEVDYGFGAISKGVSSPYLPFGGGRHRCIGEHFAYCQL
GVLMSIFIRTLKWHYPEGKTVPPPDFTSMVTLPTGPAKIIWEKRNPEQKIGGRHHH
;
_entity_poly.pdbx_strand_id   A
#
# COMPACT_ATOMS: atom_id res chain seq x y z
N SER A 6 33.92 57.37 -18.60
CA SER A 6 33.37 56.05 -18.89
C SER A 6 33.62 55.09 -17.74
N ILE A 7 33.11 55.46 -16.56
CA ILE A 7 33.42 54.73 -15.32
C ILE A 7 32.26 53.90 -14.74
N VAL A 8 32.43 52.59 -14.78
CA VAL A 8 31.58 51.65 -14.08
C VAL A 8 32.31 51.31 -12.78
N GLY A 9 33.59 51.66 -12.74
CA GLY A 9 34.44 51.39 -11.59
C GLY A 9 33.82 51.88 -10.30
N GLU A 10 33.24 53.08 -10.35
CA GLU A 10 32.56 53.67 -9.20
C GLU A 10 31.38 52.80 -8.74
N ALA A 11 30.63 52.29 -9.71
CA ALA A 11 29.49 51.43 -9.42
C ALA A 11 29.94 50.11 -8.79
N LEU A 12 31.06 49.57 -9.27
CA LEU A 12 31.62 48.39 -8.63
C LEU A 12 32.05 48.65 -7.17
N GLU A 13 32.63 49.84 -6.96
CA GLU A 13 32.92 50.27 -5.59
C GLU A 13 31.64 50.21 -4.78
N TYR A 14 30.54 50.68 -5.37
CA TYR A 14 29.29 50.72 -4.62
C TYR A 14 28.66 49.33 -4.41
N VAL A 15 28.94 48.39 -5.30
CA VAL A 15 28.56 46.99 -5.06
C VAL A 15 29.22 46.52 -3.77
N ASN A 16 30.52 46.73 -3.70
CA ASN A 16 31.26 46.33 -2.50
C ASN A 16 30.77 47.02 -1.23
N ILE A 17 30.57 48.33 -1.35
CA ILE A 17 29.99 49.10 -0.26
C ILE A 17 28.64 48.53 0.21
N GLY A 18 27.83 48.13 -0.76
CA GLY A 18 26.48 47.66 -0.51
C GLY A 18 26.51 46.33 0.21
N LEU A 19 27.41 45.45 -0.22
CA LEU A 19 27.66 44.21 0.51
C LEU A 19 28.03 44.48 1.97
N SER A 20 28.91 45.45 2.17
CA SER A 20 29.36 45.76 3.52
C SER A 20 28.19 46.27 4.39
N HIS A 21 27.36 47.16 3.84
CA HIS A 21 26.21 47.68 4.59
C HIS A 21 25.17 46.61 4.83
N PHE A 22 25.09 45.69 3.88
CA PHE A 22 24.22 44.54 3.98
C PHE A 22 24.58 43.75 5.21
N LEU A 23 25.87 43.42 5.35
CA LEU A 23 26.32 42.63 6.49
C LEU A 23 26.07 43.33 7.82
N ALA A 24 25.95 44.65 7.79
CA ALA A 24 25.80 45.46 8.99
C ALA A 24 24.33 45.74 9.36
N LEU A 25 23.39 45.12 8.65
CA LEU A 25 21.98 45.32 8.97
C LEU A 25 21.64 44.87 10.38
N PRO A 26 20.65 45.53 11.01
CA PRO A 26 20.10 45.05 12.28
C PRO A 26 19.43 43.70 12.09
N LEU A 27 19.48 42.84 13.11
CA LEU A 27 18.91 41.48 13.06
C LEU A 27 17.45 41.44 12.62
N ALA A 28 16.70 42.50 12.93
CA ALA A 28 15.33 42.63 12.45
C ALA A 28 15.36 42.49 10.93
N GLN A 29 16.04 43.43 10.29
CA GLN A 29 16.17 43.44 8.84
C GLN A 29 16.82 42.19 8.30
N ARG A 30 17.81 41.66 9.01
CA ARG A 30 18.54 40.49 8.50
C ARG A 30 17.69 39.23 8.46
N ILE A 31 17.02 38.91 9.58
CA ILE A 31 16.04 37.82 9.61
C ILE A 31 14.99 38.05 8.53
N SER A 32 14.41 39.25 8.56
CA SER A 32 13.46 39.67 7.55
C SER A 32 13.90 39.32 6.13
N LEU A 33 15.16 39.57 5.82
CA LEU A 33 15.69 39.36 4.46
C LEU A 33 16.09 37.91 4.24
N ILE A 34 16.31 37.20 5.34
CA ILE A 34 16.66 35.80 5.29
C ILE A 34 15.41 35.01 4.90
N ILE A 35 14.25 35.55 5.24
CA ILE A 35 12.98 35.01 4.76
C ILE A 35 12.60 35.59 3.41
N ILE A 36 12.83 36.89 3.24
CA ILE A 36 12.32 37.59 2.08
C ILE A 36 13.07 37.23 0.80
N ILE A 37 14.37 36.96 0.90
CA ILE A 37 15.15 36.60 -0.28
C ILE A 37 14.73 35.26 -0.93
N PRO A 38 14.60 34.18 -0.12
CA PRO A 38 14.22 32.92 -0.76
C PRO A 38 12.78 32.97 -1.26
N PHE A 39 11.93 33.65 -0.51
CA PHE A 39 10.54 33.85 -0.89
C PHE A 39 10.43 34.52 -2.26
N ILE A 40 11.17 35.61 -2.46
CA ILE A 40 11.11 36.31 -3.72
C ILE A 40 11.71 35.46 -4.82
N TYR A 41 12.90 34.94 -4.58
CA TYR A 41 13.63 34.17 -5.59
C TYR A 41 12.83 32.98 -6.09
N ASN A 42 12.21 32.26 -5.16
CA ASN A 42 11.36 31.13 -5.49
C ASN A 42 10.28 31.53 -6.50
N ILE A 43 9.59 32.62 -6.21
CA ILE A 43 8.57 33.18 -7.09
C ILE A 43 9.08 33.53 -8.50
N VAL A 44 10.16 34.30 -8.59
CA VAL A 44 10.67 34.65 -9.91
C VAL A 44 11.23 33.41 -10.61
N TRP A 45 11.73 32.46 -9.84
CA TRP A 45 12.18 31.20 -10.41
C TRP A 45 11.02 30.45 -11.11
N GLN A 46 9.84 30.43 -10.48
CA GLN A 46 8.67 29.78 -11.08
C GLN A 46 8.23 30.49 -12.36
N LEU A 47 8.09 31.81 -12.29
CA LEU A 47 7.72 32.59 -13.48
C LEU A 47 8.69 32.31 -14.61
N LEU A 48 9.98 32.28 -14.27
CA LEU A 48 11.00 31.89 -15.24
C LEU A 48 10.81 30.46 -15.74
N TYR A 49 10.67 29.53 -14.80
CA TYR A 49 10.43 28.11 -15.11
C TYR A 49 9.26 27.94 -16.08
N SER A 50 8.19 28.70 -15.84
CA SER A 50 6.99 28.67 -16.68
C SER A 50 7.21 28.98 -18.16
N LEU A 51 8.38 29.52 -18.49
CA LEU A 51 8.70 29.93 -19.86
C LEU A 51 9.30 28.79 -20.66
N ARG A 52 9.91 27.85 -19.94
CA ARG A 52 10.45 26.65 -20.57
C ARG A 52 9.32 25.87 -21.25
N LYS A 53 9.59 25.40 -22.46
CA LYS A 53 8.61 24.62 -23.18
C LYS A 53 8.92 23.12 -23.06
N ASP A 54 10.11 22.80 -22.54
CA ASP A 54 10.52 21.40 -22.38
C ASP A 54 10.25 20.86 -20.96
N ARG A 55 9.45 21.61 -20.20
CA ARG A 55 9.05 21.19 -18.86
C ARG A 55 7.53 21.22 -18.75
N PRO A 56 6.94 20.16 -18.16
CA PRO A 56 5.51 20.19 -17.84
C PRO A 56 5.25 21.38 -16.93
N PRO A 57 4.04 21.93 -17.00
CA PRO A 57 3.63 23.03 -16.12
C PRO A 57 3.88 22.65 -14.67
N LEU A 58 4.31 23.61 -13.87
CA LEU A 58 4.63 23.37 -12.47
C LEU A 58 3.61 24.09 -11.61
N VAL A 59 2.97 23.36 -10.71
CA VAL A 59 1.91 23.95 -9.88
C VAL A 59 2.50 25.09 -9.05
N PHE A 60 1.83 26.24 -9.08
CA PHE A 60 2.34 27.39 -8.35
C PHE A 60 2.24 27.15 -6.85
N TYR A 61 3.27 27.58 -6.12
CA TYR A 61 3.27 27.47 -4.66
C TYR A 61 3.96 28.67 -4.02
N TRP A 62 3.56 29.00 -2.78
CA TRP A 62 4.06 30.18 -2.08
C TRP A 62 5.28 29.93 -1.21
N ILE A 63 5.26 28.80 -0.50
CA ILE A 63 6.30 28.46 0.46
C ILE A 63 7.39 27.57 -0.13
N PRO A 64 8.63 28.08 -0.20
CA PRO A 64 9.75 27.33 -0.76
C PRO A 64 9.98 26.02 -0.02
N TRP A 65 10.49 25.03 -0.74
CA TRP A 65 10.71 23.68 -0.20
C TRP A 65 9.41 22.90 0.10
N VAL A 66 8.54 23.48 0.92
CA VAL A 66 7.26 22.85 1.25
C VAL A 66 6.44 22.55 -0.01
N GLY A 67 6.34 23.52 -0.92
CA GLY A 67 5.54 23.37 -2.13
C GLY A 67 4.07 23.12 -1.84
N SER A 68 3.47 22.21 -2.62
CA SER A 68 2.05 21.88 -2.47
C SER A 68 1.80 20.75 -1.47
N ALA A 69 2.72 20.55 -0.53
CA ALA A 69 2.69 19.40 0.37
C ALA A 69 1.40 19.30 1.19
N VAL A 70 0.89 20.43 1.62
CA VAL A 70 -0.30 20.44 2.45
C VAL A 70 -1.52 19.90 1.71
N VAL A 71 -1.84 20.49 0.56
CA VAL A 71 -3.01 20.07 -0.19
C VAL A 71 -2.84 18.66 -0.77
N TYR A 72 -1.63 18.35 -1.24
CA TYR A 72 -1.37 17.03 -1.78
C TYR A 72 -1.54 16.01 -0.68
N GLY A 73 -0.97 16.32 0.47
CA GLY A 73 -0.97 15.41 1.61
C GLY A 73 -2.36 15.14 2.15
N MET A 74 -3.21 16.17 2.15
CA MET A 74 -4.55 16.01 2.72
C MET A 74 -5.63 15.54 1.72
N LYS A 75 -5.54 15.99 0.48
CA LYS A 75 -6.53 15.63 -0.53
C LYS A 75 -5.90 15.46 -1.91
N PRO A 76 -5.08 14.41 -2.09
CA PRO A 76 -4.33 14.25 -3.34
C PRO A 76 -5.25 14.15 -4.55
N TYR A 77 -6.39 13.49 -4.45
CA TYR A 77 -7.23 13.33 -5.64
C TYR A 77 -7.91 14.65 -6.03
N GLU A 78 -8.22 15.48 -5.04
CA GLU A 78 -8.82 16.78 -5.34
C GLU A 78 -7.76 17.68 -5.98
N PHE A 79 -6.55 17.59 -5.42
CA PHE A 79 -5.38 18.28 -5.95
C PHE A 79 -5.13 17.91 -7.40
N PHE A 80 -5.09 16.61 -7.68
CA PHE A 80 -4.91 16.12 -9.05
C PHE A 80 -6.02 16.57 -9.97
N GLU A 81 -7.27 16.54 -9.51
CA GLU A 81 -8.38 16.93 -10.38
C GLU A 81 -8.27 18.42 -10.77
N GLU A 82 -7.97 19.27 -9.79
CA GLU A 82 -7.77 20.69 -10.09
C GLU A 82 -6.58 20.92 -11.02
N CYS A 83 -5.45 20.29 -10.72
CA CYS A 83 -4.29 20.44 -11.60
C CYS A 83 -4.61 19.94 -12.99
N GLN A 84 -5.40 18.86 -13.10
CA GLN A 84 -5.68 18.25 -14.39
C GLN A 84 -6.57 19.20 -15.20
N LYS A 85 -7.46 19.92 -14.51
CA LYS A 85 -8.28 20.91 -15.19
C LYS A 85 -7.44 22.09 -15.67
N LYS A 86 -6.50 22.54 -14.85
CA LYS A 86 -5.65 23.68 -15.24
C LYS A 86 -4.61 23.34 -16.32
N TYR A 87 -3.97 22.19 -16.17
CA TYR A 87 -2.77 21.88 -16.94
C TYR A 87 -2.90 20.67 -17.87
N GLY A 88 -3.92 19.84 -17.67
CA GLY A 88 -4.00 18.59 -18.41
C GLY A 88 -3.37 17.46 -17.60
N ASP A 89 -3.02 16.35 -18.26
CA ASP A 89 -2.64 15.13 -17.56
C ASP A 89 -1.20 15.05 -17.04
N ILE A 90 -0.33 15.95 -17.49
CA ILE A 90 1.05 15.92 -17.02
C ILE A 90 1.40 17.24 -16.38
N PHE A 91 1.85 17.20 -15.14
CA PHE A 91 2.17 18.44 -14.45
C PHE A 91 3.10 18.15 -13.28
N SER A 92 3.85 19.16 -12.82
CA SER A 92 4.75 18.93 -11.71
C SER A 92 4.30 19.71 -10.51
N PHE A 93 4.78 19.31 -9.34
CA PHE A 93 4.52 20.09 -8.15
C PHE A 93 5.65 19.85 -7.17
N VAL A 94 5.93 20.87 -6.35
CA VAL A 94 7.02 20.74 -5.40
C VAL A 94 6.47 20.09 -4.12
N LEU A 95 7.25 19.20 -3.54
CA LEU A 95 6.82 18.43 -2.37
C LEU A 95 8.00 18.22 -1.43
N LEU A 96 8.04 18.99 -0.35
CA LEU A 96 9.09 18.90 0.67
C LEU A 96 10.48 18.75 0.06
N GLY A 97 10.86 19.68 -0.80
CA GLY A 97 12.19 19.68 -1.37
C GLY A 97 12.35 18.91 -2.66
N ARG A 98 11.28 18.25 -3.08
CA ARG A 98 11.33 17.43 -4.28
C ARG A 98 10.40 17.93 -5.37
N VAL A 99 10.76 17.67 -6.61
CA VAL A 99 9.82 17.92 -7.70
C VAL A 99 9.19 16.61 -8.17
N MET A 100 7.88 16.53 -8.05
CA MET A 100 7.12 15.37 -8.49
C MET A 100 6.44 15.69 -9.81
N THR A 101 6.70 14.90 -10.84
CA THR A 101 5.93 14.99 -12.07
C THR A 101 4.87 13.91 -12.11
N VAL A 102 3.62 14.35 -12.12
CA VAL A 102 2.45 13.51 -12.09
C VAL A 102 2.07 13.25 -13.53
N TYR A 103 1.85 11.98 -13.87
CA TYR A 103 1.25 11.67 -15.17
C TYR A 103 -0.05 10.88 -14.97
N LEU A 104 -1.17 11.59 -15.08
CA LEU A 104 -2.49 11.03 -14.82
C LEU A 104 -2.99 10.16 -15.97
N GLY A 105 -3.83 9.19 -15.64
CA GLY A 105 -4.45 8.35 -16.64
C GLY A 105 -3.58 7.22 -17.15
N PRO A 106 -4.17 6.39 -18.02
CA PRO A 106 -3.52 5.18 -18.49
C PRO A 106 -2.18 5.44 -19.20
N LYS A 107 -2.07 6.56 -19.93
CA LYS A 107 -0.77 6.91 -20.52
C LYS A 107 0.29 7.14 -19.46
N GLY A 108 -0.14 7.70 -18.32
CA GLY A 108 0.73 7.85 -17.17
C GLY A 108 1.10 6.52 -16.57
N HIS A 109 0.11 5.61 -16.48
CA HIS A 109 0.40 4.27 -15.97
C HIS A 109 1.53 3.71 -16.82
N GLU A 110 1.37 3.80 -18.13
CA GLU A 110 2.35 3.24 -19.04
C GLU A 110 3.73 3.93 -18.91
N PHE A 111 3.72 5.26 -18.79
CA PHE A 111 4.93 6.03 -18.67
C PHE A 111 5.76 5.68 -17.42
N VAL A 112 5.07 5.44 -16.31
CA VAL A 112 5.78 5.17 -15.05
C VAL A 112 5.99 3.68 -14.78
N PHE A 113 4.93 2.87 -14.83
CA PHE A 113 5.03 1.43 -14.53
C PHE A 113 5.88 0.65 -15.55
N ASN A 114 5.87 1.09 -16.81
CA ASN A 114 6.65 0.42 -17.85
C ASN A 114 7.91 1.18 -18.23
N ALA A 115 8.31 2.13 -17.39
CA ALA A 115 9.54 2.87 -17.62
C ALA A 115 10.75 1.95 -17.66
N LYS A 116 11.74 2.32 -18.46
CA LYS A 116 12.96 1.55 -18.57
C LYS A 116 13.63 1.46 -17.22
N LEU A 117 14.20 0.31 -16.91
CA LEU A 117 14.99 0.14 -15.68
C LEU A 117 16.05 1.25 -15.51
N ALA A 118 16.68 1.63 -16.61
CA ALA A 118 17.69 2.70 -16.57
C ALA A 118 17.09 4.09 -16.34
N ASP A 119 15.81 4.28 -16.68
CA ASP A 119 15.21 5.59 -16.55
C ASP A 119 14.80 5.95 -15.11
N VAL A 120 14.26 4.98 -14.37
CA VAL A 120 13.71 5.29 -13.05
C VAL A 120 14.09 4.25 -12.04
N SER A 121 13.98 4.64 -10.78
CA SER A 121 14.31 3.75 -9.70
C SER A 121 13.24 3.80 -8.63
N ALA A 122 12.62 2.66 -8.34
CA ALA A 122 11.73 2.58 -7.18
C ALA A 122 12.54 2.62 -5.89
N GLU A 123 13.67 1.91 -5.86
CA GLU A 123 14.42 1.79 -4.62
C GLU A 123 14.97 3.16 -4.18
N ALA A 124 15.29 4.03 -5.12
CA ALA A 124 15.79 5.36 -4.76
C ALA A 124 14.70 6.24 -4.17
N ALA A 125 13.44 5.98 -4.55
CA ALA A 125 12.31 6.66 -3.95
C ALA A 125 11.86 6.08 -2.60
N TYR A 126 12.01 4.77 -2.42
CA TYR A 126 11.38 4.09 -1.28
C TYR A 126 12.32 3.59 -0.16
N ALA A 127 13.58 3.35 -0.50
CA ALA A 127 14.49 2.61 0.44
C ALA A 127 14.67 3.26 1.79
N HIS A 128 14.76 4.59 1.82
CA HIS A 128 15.06 5.29 3.05
C HIS A 128 13.94 5.03 4.07
N LEU A 129 12.74 4.78 3.54
CA LEU A 129 11.57 4.43 4.35
C LEU A 129 11.51 2.94 4.69
N THR A 130 11.74 2.07 3.70
CA THR A 130 11.49 0.64 3.93
C THR A 130 12.64 -0.10 4.60
N THR A 131 13.85 0.26 4.23
CA THR A 131 15.05 -0.42 4.78
C THR A 131 15.11 -0.48 6.33
N PRO A 132 14.84 0.65 7.03
CA PRO A 132 14.90 0.55 8.49
C PRO A 132 13.80 -0.33 9.07
N VAL A 133 12.71 -0.51 8.32
CA VAL A 133 11.60 -1.30 8.82
C VAL A 133 11.80 -2.78 8.51
N PHE A 134 12.21 -3.10 7.28
CA PHE A 134 12.36 -4.49 6.90
C PHE A 134 13.73 -5.03 7.33
N GLY A 135 14.76 -4.20 7.20
CA GLY A 135 16.13 -4.66 7.40
C GLY A 135 16.94 -4.63 6.12
N LYS A 136 18.23 -4.91 6.24
CA LYS A 136 19.12 -4.78 5.09
C LYS A 136 19.07 -5.93 4.11
N GLY A 137 19.50 -5.65 2.90
CA GLY A 137 19.78 -6.70 1.94
C GLY A 137 18.58 -7.07 1.11
N VAL A 138 17.39 -6.54 1.44
CA VAL A 138 16.15 -6.99 0.77
C VAL A 138 15.25 -5.85 0.28
N ILE A 139 14.38 -6.19 -0.68
CA ILE A 139 13.41 -5.24 -1.27
C ILE A 139 14.05 -4.05 -1.95
N TYR A 140 14.22 -2.95 -1.22
CA TYR A 140 14.81 -1.78 -1.84
C TYR A 140 16.24 -1.52 -1.39
N ASP A 141 16.76 -2.39 -0.53
CA ASP A 141 18.13 -2.25 -0.08
C ASP A 141 19.00 -3.23 -0.88
N CYS A 142 18.86 -3.20 -2.19
CA CYS A 142 19.56 -4.15 -3.06
C CYS A 142 19.27 -3.74 -4.48
N PRO A 143 20.09 -4.18 -5.43
CA PRO A 143 19.75 -3.86 -6.83
C PRO A 143 18.43 -4.46 -7.27
N ASN A 144 17.84 -3.88 -8.31
CA ASN A 144 16.57 -4.36 -8.82
C ASN A 144 16.62 -5.86 -9.17
N SER A 145 17.75 -6.35 -9.67
CA SER A 145 17.79 -7.77 -10.06
C SER A 145 17.61 -8.70 -8.86
N ARG A 146 18.12 -8.26 -7.71
CA ARG A 146 17.96 -9.00 -6.47
C ARG A 146 16.47 -8.95 -6.06
N LEU A 147 15.87 -7.79 -6.16
CA LEU A 147 14.42 -7.67 -5.85
C LEU A 147 13.58 -8.60 -6.72
N MET A 148 13.84 -8.61 -8.04
CA MET A 148 13.16 -9.50 -8.95
C MET A 148 13.22 -10.96 -8.50
N GLU A 149 14.42 -11.39 -8.12
CA GLU A 149 14.51 -12.75 -7.59
C GLU A 149 13.87 -12.99 -6.22
N GLN A 150 13.93 -12.01 -5.33
CA GLN A 150 13.21 -12.17 -4.06
C GLN A 150 11.71 -12.34 -4.33
N LYS A 151 11.22 -11.61 -5.32
CA LYS A 151 9.78 -11.69 -5.66
C LYS A 151 9.50 -13.10 -6.21
N LYS A 152 10.43 -13.62 -7.01
CA LYS A 152 10.31 -15.02 -7.48
C LYS A 152 10.24 -16.03 -6.34
N PHE A 153 11.18 -15.93 -5.40
CA PHE A 153 11.18 -16.81 -4.22
C PHE A 153 9.85 -16.74 -3.46
N VAL A 154 9.35 -15.54 -3.23
CA VAL A 154 8.13 -15.40 -2.43
C VAL A 154 6.92 -15.97 -3.18
N LYS A 155 6.87 -15.73 -4.48
CA LYS A 155 5.82 -16.23 -5.35
C LYS A 155 5.79 -17.74 -5.33
N GLY A 156 6.94 -18.36 -5.12
CA GLY A 156 6.96 -19.81 -4.99
C GLY A 156 6.24 -20.40 -3.81
N ALA A 157 6.01 -19.62 -2.76
CA ALA A 157 5.09 -20.08 -1.72
C ALA A 157 3.66 -19.59 -1.98
N LEU A 158 3.43 -18.88 -3.08
CA LEU A 158 2.07 -18.34 -3.34
C LEU A 158 1.43 -19.02 -4.54
N THR A 159 1.34 -20.35 -4.45
CA THR A 159 0.79 -21.14 -5.54
C THR A 159 -0.65 -21.53 -5.20
N LYS A 160 -1.36 -22.08 -6.18
CA LYS A 160 -2.72 -22.57 -5.96
C LYS A 160 -2.76 -23.64 -4.87
N GLU A 161 -1.73 -24.49 -4.83
CA GLU A 161 -1.64 -25.52 -3.79
C GLU A 161 -1.44 -24.88 -2.41
N ALA A 162 -0.59 -23.86 -2.36
CA ALA A 162 -0.47 -23.11 -1.12
C ALA A 162 -1.83 -22.55 -0.69
N PHE A 163 -2.54 -21.91 -1.59
CA PHE A 163 -3.82 -21.29 -1.22
C PHE A 163 -4.83 -22.31 -0.76
N LYS A 164 -4.85 -23.50 -1.40
CA LYS A 164 -5.77 -24.53 -0.93
C LYS A 164 -5.44 -24.89 0.49
N SER A 165 -4.15 -24.89 0.82
CA SER A 165 -3.84 -25.23 2.20
C SER A 165 -4.07 -24.06 3.19
N TYR A 166 -3.95 -22.82 2.71
CA TYR A 166 -4.14 -21.64 3.58
C TYR A 166 -5.61 -21.39 3.90
N VAL A 167 -6.50 -21.71 2.96
CA VAL A 167 -7.94 -21.42 3.19
C VAL A 167 -8.49 -21.93 4.53
N PRO A 168 -8.35 -23.23 4.83
CA PRO A 168 -8.84 -23.62 6.17
C PRO A 168 -8.08 -23.00 7.36
N LEU A 169 -6.79 -22.70 7.20
CA LEU A 169 -6.04 -22.04 8.26
C LEU A 169 -6.57 -20.62 8.50
N ILE A 170 -6.86 -19.92 7.41
CA ILE A 170 -7.40 -18.57 7.51
C ILE A 170 -8.83 -18.65 8.09
N ALA A 171 -9.58 -19.66 7.70
CA ALA A 171 -10.96 -19.78 8.23
C ALA A 171 -10.89 -20.05 9.72
N GLU A 172 -9.98 -20.94 10.10
CA GLU A 172 -9.81 -21.19 11.54
C GLU A 172 -9.53 -19.89 12.30
N GLU A 173 -8.61 -19.07 11.77
CA GLU A 173 -8.28 -17.80 12.44
C GLU A 173 -9.44 -16.85 12.57
N VAL A 174 -10.26 -16.74 11.52
CA VAL A 174 -11.40 -15.85 11.58
C VAL A 174 -12.40 -16.31 12.64
N TYR A 175 -12.70 -17.60 12.65
CA TYR A 175 -13.61 -18.15 13.66
C TYR A 175 -13.07 -17.96 15.08
N LYS A 176 -11.75 -18.11 15.26
CA LYS A 176 -11.16 -17.92 16.59
C LYS A 176 -11.29 -16.47 16.98
N TYR A 177 -11.15 -15.58 16.01
CA TYR A 177 -11.26 -14.16 16.30
C TYR A 177 -12.71 -13.83 16.72
N PHE A 178 -13.70 -14.39 16.00
CA PHE A 178 -15.10 -14.19 16.39
C PHE A 178 -15.35 -14.76 17.80
N ARG A 179 -14.79 -15.93 18.06
CA ARG A 179 -14.95 -16.54 19.38
C ARG A 179 -14.24 -15.79 20.51
N ASP A 180 -12.97 -15.44 20.29
CA ASP A 180 -12.11 -14.97 21.39
C ASP A 180 -11.95 -13.46 21.52
N SER A 181 -12.02 -12.73 20.40
CA SER A 181 -11.74 -11.30 20.48
C SER A 181 -12.80 -10.60 21.33
N LYS A 182 -12.39 -9.61 22.13
CA LYS A 182 -13.36 -8.81 22.91
C LYS A 182 -14.29 -8.06 21.96
N ASN A 183 -13.83 -7.86 20.73
CA ASN A 183 -14.65 -7.15 19.77
C ASN A 183 -15.88 -7.92 19.35
N PHE A 184 -15.83 -9.24 19.48
CA PHE A 184 -16.98 -10.04 19.11
C PHE A 184 -17.49 -10.89 20.29
N ARG A 185 -16.78 -11.98 20.60
CA ARG A 185 -17.23 -12.99 21.57
C ARG A 185 -18.58 -13.60 21.18
N LEU A 186 -18.66 -14.26 20.03
CA LEU A 186 -19.99 -14.63 19.47
C LEU A 186 -20.72 -15.66 20.32
N ASN A 187 -19.98 -16.39 21.16
CA ASN A 187 -20.63 -17.36 22.05
C ASN A 187 -21.32 -16.69 23.24
N GLU A 188 -20.98 -15.44 23.50
CA GLU A 188 -21.54 -14.71 24.63
C GLU A 188 -22.49 -13.58 24.26
N ARG A 189 -22.32 -13.03 23.06
CA ARG A 189 -23.08 -11.84 22.68
C ARG A 189 -23.60 -12.04 21.27
N THR A 190 -24.83 -11.57 21.02
CA THR A 190 -25.47 -11.75 19.72
C THR A 190 -25.41 -10.49 18.87
N THR A 191 -25.00 -9.39 19.48
CA THR A 191 -24.87 -8.14 18.74
C THR A 191 -23.83 -7.28 19.41
N GLY A 192 -23.27 -6.32 18.67
CA GLY A 192 -22.21 -5.50 19.24
C GLY A 192 -21.71 -4.43 18.33
N THR A 193 -20.97 -3.47 18.86
CA THR A 193 -20.42 -2.40 18.03
C THR A 193 -18.90 -2.53 17.91
N ILE A 194 -18.37 -2.23 16.74
CA ILE A 194 -16.98 -2.54 16.45
C ILE A 194 -16.40 -1.41 15.63
N ASP A 195 -15.12 -1.14 15.85
CA ASP A 195 -14.38 -0.16 15.06
C ASP A 195 -13.61 -1.00 14.06
N VAL A 196 -13.90 -0.84 12.76
CA VAL A 196 -13.29 -1.74 11.80
C VAL A 196 -11.82 -1.49 11.65
N MET A 197 -11.38 -0.32 12.07
CA MET A 197 -9.94 -0.02 12.04
C MET A 197 -9.25 -0.56 13.26
N VAL A 198 -10.02 -1.14 14.17
CA VAL A 198 -9.42 -1.90 15.26
C VAL A 198 -9.41 -3.37 14.85
N THR A 199 -10.55 -3.88 14.41
CA THR A 199 -10.68 -5.32 14.13
C THR A 199 -9.88 -5.80 12.90
N GLN A 200 -9.90 -5.00 11.84
CA GLN A 200 -9.37 -5.51 10.58
C GLN A 200 -7.86 -5.68 10.58
N PRO A 201 -7.12 -4.71 11.17
CA PRO A 201 -5.68 -4.94 11.26
C PRO A 201 -5.34 -6.17 12.10
N GLU A 202 -6.13 -6.45 13.15
CA GLU A 202 -5.90 -7.64 13.96
C GLU A 202 -6.21 -8.89 13.16
N MET A 203 -7.38 -8.94 12.50
CA MET A 203 -7.75 -10.12 11.71
C MET A 203 -6.77 -10.32 10.58
N THR A 204 -6.29 -9.21 10.05
CA THR A 204 -5.36 -9.30 8.94
C THR A 204 -4.04 -9.94 9.38
N ILE A 205 -3.47 -9.46 10.49
CA ILE A 205 -2.16 -10.00 10.92
C ILE A 205 -2.31 -11.42 11.45
N PHE A 206 -3.44 -11.71 12.12
CA PHE A 206 -3.66 -13.06 12.60
C PHE A 206 -3.77 -14.04 11.42
N THR A 207 -4.51 -13.67 10.38
CA THR A 207 -4.66 -14.62 9.29
C THR A 207 -3.39 -14.73 8.45
N ALA A 208 -2.71 -13.62 8.22
CA ALA A 208 -1.55 -13.65 7.37
C ALA A 208 -0.38 -14.33 8.13
N SER A 209 -0.33 -14.13 9.44
CA SER A 209 0.75 -14.79 10.24
C SER A 209 0.61 -16.28 10.19
N ARG A 210 -0.59 -16.75 10.50
CA ARG A 210 -0.87 -18.16 10.54
C ARG A 210 -0.54 -18.84 9.22
N SER A 211 -0.97 -18.27 8.10
CA SER A 211 -0.76 -18.91 6.81
C SER A 211 0.64 -18.71 6.25
N LEU A 212 1.14 -17.48 6.23
CA LEU A 212 2.44 -17.29 5.57
C LEU A 212 3.62 -17.66 6.47
N LEU A 213 3.50 -17.39 7.76
CA LEU A 213 4.63 -17.58 8.70
C LEU A 213 4.51 -18.88 9.48
N GLY A 214 3.29 -19.32 9.73
CA GLY A 214 3.04 -20.59 10.36
C GLY A 214 2.59 -20.53 11.80
N LYS A 215 2.42 -21.69 12.40
CA LYS A 215 1.73 -21.76 13.68
C LYS A 215 2.49 -21.12 14.81
N GLU A 216 3.82 -21.29 14.82
CA GLU A 216 4.65 -20.76 15.90
C GLU A 216 4.53 -19.25 15.97
N MET A 217 4.63 -18.63 14.79
CA MET A 217 4.68 -17.18 14.70
C MET A 217 3.30 -16.63 14.98
N ARG A 218 2.27 -17.36 14.55
CA ARG A 218 0.90 -17.00 14.95
C ARG A 218 0.78 -17.03 16.47
N ALA A 219 1.23 -18.13 17.08
CA ALA A 219 1.18 -18.25 18.55
C ALA A 219 1.85 -17.06 19.25
N LYS A 220 2.96 -16.58 18.69
CA LYS A 220 3.61 -15.40 19.29
C LYS A 220 2.72 -14.15 19.41
N LEU A 221 1.75 -14.03 18.51
CA LEU A 221 0.89 -12.87 18.48
C LEU A 221 -0.17 -12.87 19.61
N ASP A 222 -0.28 -14.00 20.32
CA ASP A 222 -1.11 -14.07 21.51
C ASP A 222 -0.39 -13.51 22.72
N THR A 223 0.83 -13.00 22.52
CA THR A 223 1.63 -12.46 23.62
C THR A 223 2.01 -11.00 23.43
N ASP A 224 2.77 -10.48 24.39
CA ASP A 224 3.32 -9.12 24.33
C ASP A 224 4.20 -8.90 23.10
N PHE A 225 4.71 -10.00 22.53
CA PHE A 225 5.42 -9.93 21.25
C PHE A 225 4.64 -9.14 20.21
N ALA A 226 3.31 -9.30 20.21
CA ALA A 226 2.45 -8.58 19.28
C ALA A 226 2.75 -7.08 19.25
N TYR A 227 3.10 -6.53 20.41
CA TYR A 227 3.41 -5.11 20.54
C TYR A 227 4.54 -4.68 19.59
N LEU A 228 5.55 -5.54 19.46
CA LEU A 228 6.65 -5.26 18.53
C LEU A 228 6.13 -4.94 17.12
N TYR A 229 5.15 -5.71 16.65
CA TYR A 229 4.61 -5.47 15.31
C TYR A 229 4.04 -4.06 15.23
N SER A 230 3.34 -3.68 16.30
CA SER A 230 2.82 -2.33 16.38
C SER A 230 3.97 -1.32 16.29
N ASP A 231 5.01 -1.53 17.09
CA ASP A 231 6.16 -0.64 17.08
C ASP A 231 6.76 -0.62 15.68
N LEU A 232 6.82 -1.79 15.05
CA LEU A 232 7.47 -1.86 13.76
C LEU A 232 6.63 -1.00 12.83
N ASP A 233 5.32 -1.12 13.00
CA ASP A 233 4.37 -0.39 12.19
C ASP A 233 4.54 1.12 12.28
N LYS A 234 4.99 1.60 13.45
CA LYS A 234 5.12 3.04 13.64
C LYS A 234 6.27 3.61 12.86
N GLY A 235 7.20 2.76 12.42
CA GLY A 235 8.33 3.26 11.67
C GLY A 235 7.91 3.42 10.24
N PHE A 236 6.73 2.89 9.96
CA PHE A 236 6.22 2.83 8.61
C PHE A 236 5.14 3.90 8.44
N THR A 237 5.55 5.16 8.47
CA THR A 237 4.64 6.30 8.27
C THR A 237 5.36 7.36 7.43
N PRO A 238 4.63 8.37 6.91
CA PRO A 238 5.33 9.32 6.04
C PRO A 238 6.26 10.38 6.69
N ILE A 239 6.25 10.55 8.02
CA ILE A 239 7.26 11.45 8.60
C ILE A 239 8.62 10.83 8.35
N ASN A 240 8.67 9.51 8.42
CA ASN A 240 9.84 8.74 8.01
C ASN A 240 10.10 8.88 6.51
N PHE A 241 9.04 9.14 5.75
CA PHE A 241 9.19 9.41 4.33
C PHE A 241 9.95 10.71 4.14
N VAL A 242 9.69 11.68 5.02
CA VAL A 242 10.41 12.94 4.98
C VAL A 242 11.70 12.86 5.78
N PHE A 243 11.62 12.41 7.03
CA PHE A 243 12.86 12.18 7.77
C PHE A 243 13.03 10.69 7.99
N PRO A 244 13.92 10.07 7.21
CA PRO A 244 14.14 8.63 7.32
C PRO A 244 14.73 8.28 8.68
N ASN A 245 15.68 9.12 9.11
CA ASN A 245 16.15 9.20 10.50
C ASN A 245 16.39 10.62 11.09
N LEU A 246 15.87 10.79 12.30
CA LEU A 246 16.16 11.88 13.21
C LEU A 246 16.00 11.18 14.54
N PRO A 247 16.58 11.73 15.60
CA PRO A 247 16.55 11.01 16.86
C PRO A 247 15.29 11.12 17.69
N LEU A 248 14.36 10.21 17.45
CA LEU A 248 13.13 10.14 18.21
C LEU A 248 12.88 8.74 18.70
N GLU A 249 12.13 8.62 19.79
CA GLU A 249 11.84 7.31 20.36
C GLU A 249 11.17 6.29 19.43
N HIS A 250 10.18 6.73 18.66
CA HIS A 250 9.44 5.79 17.81
C HIS A 250 10.35 5.17 16.74
N TYR A 251 11.37 5.90 16.33
CA TYR A 251 12.41 5.35 15.46
C TYR A 251 13.13 4.21 16.16
N ARG A 252 13.52 4.45 17.42
CA ARG A 252 14.28 3.46 18.18
C ARG A 252 13.45 2.20 18.44
N LYS A 253 12.17 2.39 18.73
CA LYS A 253 11.25 1.26 18.89
C LYS A 253 11.08 0.48 17.59
N ARG A 254 11.00 1.21 16.47
CA ARG A 254 11.07 0.59 15.14
C ARG A 254 12.32 -0.30 14.96
N ASP A 255 13.50 0.26 15.19
CA ASP A 255 14.73 -0.51 14.98
C ASP A 255 14.80 -1.73 15.89
N HIS A 256 14.43 -1.50 17.15
CA HIS A 256 14.38 -2.57 18.12
C HIS A 256 13.41 -3.68 17.68
N ALA A 257 12.24 -3.28 17.22
CA ALA A 257 11.24 -4.23 16.76
C ALA A 257 11.73 -5.03 15.55
N GLN A 258 12.41 -4.36 14.61
CA GLN A 258 12.92 -5.06 13.43
C GLN A 258 13.93 -6.11 13.86
N LYS A 259 14.77 -5.73 14.82
CA LYS A 259 15.74 -6.68 15.35
C LYS A 259 15.05 -7.82 16.07
N ALA A 260 14.13 -7.52 16.97
CA ALA A 260 13.50 -8.59 17.75
C ALA A 260 12.66 -9.55 16.90
N ILE A 261 11.92 -8.98 15.96
CA ILE A 261 11.07 -9.78 15.08
C ILE A 261 11.94 -10.59 14.12
N SER A 262 12.90 -9.93 13.46
CA SER A 262 13.78 -10.69 12.55
C SER A 262 14.53 -11.77 13.34
N GLY A 263 14.81 -11.46 14.60
CA GLY A 263 15.51 -12.41 15.48
C GLY A 263 14.65 -13.64 15.74
N THR A 264 13.37 -13.41 15.96
CA THR A 264 12.45 -14.52 16.18
C THR A 264 12.36 -15.40 14.94
N TYR A 265 12.26 -14.74 13.77
CA TYR A 265 12.22 -15.47 12.51
C TYR A 265 13.48 -16.34 12.34
N MET A 266 14.63 -15.73 12.56
CA MET A 266 15.89 -16.47 12.44
C MET A 266 15.96 -17.62 13.45
N SER A 267 15.43 -17.42 14.65
CA SER A 267 15.47 -18.50 15.63
C SER A 267 14.68 -19.68 15.11
N LEU A 268 13.50 -19.42 14.52
CA LEU A 268 12.72 -20.52 14.00
C LEU A 268 13.40 -21.17 12.83
N ILE A 269 13.99 -20.37 11.97
CA ILE A 269 14.62 -20.88 10.75
C ILE A 269 15.79 -21.80 11.13
N LYS A 270 16.61 -21.31 12.05
CA LYS A 270 17.81 -22.05 12.49
C LYS A 270 17.41 -23.32 13.25
N GLU A 271 16.35 -23.22 14.03
CA GLU A 271 15.81 -24.39 14.69
C GLU A 271 15.31 -25.45 13.68
N ARG A 272 14.54 -25.01 12.68
CA ARG A 272 14.09 -25.90 11.62
C ARG A 272 15.21 -26.60 10.86
N ARG A 273 16.23 -25.85 10.47
CA ARG A 273 17.35 -26.44 9.73
C ARG A 273 18.08 -27.42 10.64
N LYS A 274 18.20 -27.04 11.91
CA LYS A 274 18.81 -27.91 12.91
C LYS A 274 18.08 -29.25 13.05
N ASN A 275 16.75 -29.22 13.16
CA ASN A 275 15.97 -30.44 13.32
C ASN A 275 15.56 -31.09 12.01
N ASN A 276 16.02 -30.50 10.91
CA ASN A 276 15.72 -31.03 9.59
C ASN A 276 14.22 -30.92 9.39
N ASP A 277 13.60 -30.08 10.20
CA ASP A 277 12.16 -29.93 10.16
C ASP A 277 11.76 -28.90 9.12
N ILE A 278 12.09 -29.23 7.87
CA ILE A 278 11.70 -28.38 6.76
C ILE A 278 10.61 -29.09 5.98
N GLN A 279 9.44 -28.46 5.95
CA GLN A 279 8.28 -28.93 5.21
C GLN A 279 7.87 -27.97 4.10
N ASP A 280 6.59 -27.98 3.78
CA ASP A 280 6.03 -27.11 2.75
C ASP A 280 4.91 -26.26 3.35
N ARG A 281 4.85 -26.22 4.68
CA ARG A 281 3.75 -25.54 5.38
C ARG A 281 3.59 -24.02 5.19
N ASP A 282 4.70 -23.28 5.22
CA ASP A 282 4.68 -21.81 5.30
C ASP A 282 5.79 -21.15 4.48
N LEU A 283 5.68 -19.83 4.29
CA LEU A 283 6.66 -19.11 3.46
C LEU A 283 8.09 -19.28 4.02
N ILE A 284 8.20 -19.56 5.31
CA ILE A 284 9.49 -19.83 5.92
C ILE A 284 10.10 -21.11 5.33
N ASP A 285 9.30 -22.17 5.26
CA ASP A 285 9.79 -23.42 4.69
C ASP A 285 10.19 -23.20 3.23
N SER A 286 9.40 -22.41 2.52
CA SER A 286 9.67 -22.12 1.13
C SER A 286 10.95 -21.32 0.90
N LEU A 287 11.16 -20.26 1.67
CA LEU A 287 12.38 -19.47 1.52
C LEU A 287 13.59 -20.29 2.00
N MET A 288 13.42 -21.14 3.01
CA MET A 288 14.55 -21.95 3.48
C MET A 288 14.98 -22.90 2.37
N LYS A 289 14.03 -23.38 1.57
CA LYS A 289 14.40 -24.24 0.44
C LYS A 289 14.70 -23.54 -0.87
N ASN A 290 14.28 -22.28 -1.00
CA ASN A 290 14.31 -21.62 -2.30
C ASN A 290 14.65 -20.14 -2.13
N SER A 291 15.94 -19.85 -1.97
CA SER A 291 16.40 -18.48 -1.72
C SER A 291 17.84 -18.30 -2.16
N THR A 292 18.21 -19.02 -3.22
CA THR A 292 19.52 -18.85 -3.83
C THR A 292 19.37 -18.09 -5.15
N TYR A 293 20.03 -16.94 -5.23
CA TYR A 293 19.99 -16.16 -6.44
C TYR A 293 20.65 -16.89 -7.62
N LYS A 294 20.38 -16.40 -8.83
CA LYS A 294 20.90 -17.05 -10.03
C LYS A 294 22.44 -17.00 -10.17
N ASP A 295 23.10 -16.03 -9.53
CA ASP A 295 24.57 -16.00 -9.51
C ASP A 295 25.12 -16.94 -8.44
N GLY A 296 24.23 -17.70 -7.79
CA GLY A 296 24.62 -18.72 -6.82
C GLY A 296 24.72 -18.29 -5.36
N VAL A 297 24.61 -16.98 -5.11
CA VAL A 297 24.67 -16.49 -3.73
C VAL A 297 23.38 -16.82 -2.98
N LYS A 298 23.49 -17.33 -1.76
CA LYS A 298 22.32 -17.62 -0.96
C LYS A 298 21.94 -16.45 -0.07
N MET A 299 20.65 -16.16 0.02
CA MET A 299 20.18 -15.19 1.02
C MET A 299 20.62 -15.68 2.38
N THR A 300 21.01 -14.75 3.23
CA THR A 300 21.39 -15.13 4.57
C THR A 300 20.13 -15.32 5.38
N ASP A 301 20.27 -15.90 6.57
CA ASP A 301 19.09 -16.08 7.40
C ASP A 301 18.50 -14.73 7.78
N GLN A 302 19.38 -13.76 8.00
CA GLN A 302 18.96 -12.39 8.29
C GLN A 302 18.13 -11.82 7.14
N GLU A 303 18.62 -12.02 5.91
CA GLU A 303 17.90 -11.48 4.75
C GLU A 303 16.57 -12.20 4.54
N ILE A 304 16.54 -13.50 4.78
CA ILE A 304 15.29 -14.23 4.70
C ILE A 304 14.28 -13.67 5.69
N ALA A 305 14.71 -13.49 6.94
CA ALA A 305 13.84 -12.87 7.95
C ALA A 305 13.35 -11.45 7.56
N ASN A 306 14.26 -10.65 7.03
CA ASN A 306 13.94 -9.29 6.61
C ASN A 306 12.88 -9.33 5.50
N LEU A 307 13.05 -10.28 4.58
CA LEU A 307 12.13 -10.43 3.47
C LEU A 307 10.76 -10.88 3.98
N LEU A 308 10.73 -11.78 4.96
CA LEU A 308 9.48 -12.16 5.65
C LEU A 308 8.76 -10.94 6.22
N ILE A 309 9.52 -10.04 6.85
CA ILE A 309 8.92 -8.82 7.41
C ILE A 309 8.35 -7.95 6.30
N GLY A 310 9.12 -7.76 5.23
CA GLY A 310 8.67 -6.95 4.10
C GLY A 310 7.40 -7.50 3.45
N VAL A 311 7.36 -8.82 3.29
CA VAL A 311 6.21 -9.46 2.65
C VAL A 311 4.94 -9.28 3.49
N LEU A 312 5.07 -9.56 4.78
CA LEU A 312 3.93 -9.39 5.70
C LEU A 312 3.48 -7.94 5.79
N MET A 313 4.44 -7.01 5.79
CA MET A 313 4.08 -5.59 5.79
C MET A 313 3.35 -5.19 4.51
N GLY A 314 3.82 -5.73 3.38
CA GLY A 314 3.20 -5.43 2.09
C GLY A 314 1.74 -5.87 2.02
N GLY A 315 1.43 -6.97 2.69
CA GLY A 315 0.04 -7.40 2.77
C GLY A 315 -0.79 -6.79 3.88
N GLN A 316 -0.13 -6.25 4.89
CA GLN A 316 -0.84 -5.84 6.11
C GLN A 316 -1.79 -4.67 5.93
N HIS A 317 -1.27 -3.50 5.57
CA HIS A 317 -2.09 -2.31 5.47
C HIS A 317 -3.02 -2.29 4.27
N THR A 318 -2.56 -2.81 3.15
CA THR A 318 -3.40 -2.95 1.95
C THR A 318 -4.60 -3.84 2.26
N SER A 319 -4.34 -5.02 2.85
CA SER A 319 -5.46 -5.94 3.09
C SER A 319 -6.40 -5.41 4.19
N ALA A 320 -5.81 -4.95 5.28
CA ALA A 320 -6.63 -4.44 6.40
C ALA A 320 -7.51 -3.28 5.99
N ALA A 321 -6.93 -2.35 5.23
CA ALA A 321 -7.74 -1.22 4.78
C ALA A 321 -8.83 -1.72 3.87
N THR A 322 -8.50 -2.69 3.03
CA THR A 322 -9.51 -3.16 2.08
C THR A 322 -10.68 -3.85 2.76
N SER A 323 -10.42 -4.71 3.73
CA SER A 323 -11.56 -5.35 4.42
C SER A 323 -12.32 -4.36 5.27
N ALA A 324 -11.64 -3.33 5.79
CA ALA A 324 -12.37 -2.26 6.49
C ALA A 324 -13.34 -1.59 5.54
N TRP A 325 -12.88 -1.24 4.34
CA TRP A 325 -13.77 -0.60 3.37
C TRP A 325 -14.86 -1.54 2.89
N ILE A 326 -14.57 -2.82 2.71
CA ILE A 326 -15.63 -3.73 2.30
C ILE A 326 -16.72 -3.72 3.37
N LEU A 327 -16.32 -3.88 4.64
CA LEU A 327 -17.34 -3.86 5.69
C LEU A 327 -18.11 -2.55 5.70
N LEU A 328 -17.39 -1.45 5.53
CA LEU A 328 -18.02 -0.13 5.59
C LEU A 328 -18.99 0.13 4.46
N HIS A 329 -18.60 -0.23 3.23
CA HIS A 329 -19.57 -0.14 2.13
C HIS A 329 -20.75 -1.06 2.29
N LEU A 330 -20.51 -2.28 2.78
CA LEU A 330 -21.66 -3.18 2.87
C LEU A 330 -22.57 -2.80 4.02
N ALA A 331 -22.04 -2.06 5.00
CA ALA A 331 -22.84 -1.68 6.18
C ALA A 331 -24.10 -0.86 5.78
N GLU A 332 -24.02 -0.13 4.67
CA GLU A 332 -25.19 0.63 4.21
C GLU A 332 -25.84 -0.01 2.99
N ARG A 333 -25.45 -1.25 2.70
CA ARG A 333 -26.04 -1.99 1.58
C ARG A 333 -26.49 -3.36 2.02
N PRO A 334 -27.60 -3.41 2.79
CA PRO A 334 -28.12 -4.72 3.16
C PRO A 334 -28.55 -5.54 1.97
N ASP A 335 -28.92 -4.88 0.85
CA ASP A 335 -29.16 -5.61 -0.40
C ASP A 335 -27.94 -6.40 -0.91
N VAL A 336 -26.78 -5.75 -0.86
CA VAL A 336 -25.54 -6.44 -1.24
C VAL A 336 -25.22 -7.57 -0.24
N GLN A 337 -25.42 -7.31 1.04
CA GLN A 337 -25.13 -8.39 1.98
C GLN A 337 -26.03 -9.59 1.67
N GLN A 338 -27.28 -9.28 1.29
CA GLN A 338 -28.24 -10.32 1.03
C GLN A 338 -27.88 -11.14 -0.20
N GLU A 339 -27.48 -10.43 -1.26
CA GLU A 339 -27.04 -11.07 -2.49
C GLU A 339 -25.79 -11.96 -2.24
N LEU A 340 -24.85 -11.43 -1.49
CA LEU A 340 -23.65 -12.21 -1.15
C LEU A 340 -24.02 -13.44 -0.30
N TYR A 341 -24.96 -13.26 0.62
CA TYR A 341 -25.40 -14.40 1.43
C TYR A 341 -26.02 -15.50 0.55
N GLU A 342 -26.90 -15.12 -0.39
CA GLU A 342 -27.49 -16.12 -1.30
C GLU A 342 -26.39 -16.85 -2.08
N GLU A 343 -25.37 -16.10 -2.51
CA GLU A 343 -24.26 -16.79 -3.19
C GLU A 343 -23.55 -17.78 -2.26
N GLN A 344 -23.34 -17.39 -1.02
CA GLN A 344 -22.74 -18.31 -0.05
C GLN A 344 -23.56 -19.59 0.12
N MET A 345 -24.89 -19.43 0.24
CA MET A 345 -25.76 -20.60 0.44
C MET A 345 -25.74 -21.49 -0.77
N ARG A 346 -25.75 -20.88 -1.95
CA ARG A 346 -25.73 -21.65 -3.20
C ARG A 346 -24.40 -22.40 -3.39
N VAL A 347 -23.29 -21.68 -3.25
CA VAL A 347 -21.99 -22.31 -3.51
C VAL A 347 -21.61 -23.36 -2.48
N LEU A 348 -21.97 -23.11 -1.23
CA LEU A 348 -21.60 -23.99 -0.13
C LEU A 348 -22.75 -24.90 0.34
N ASP A 349 -23.78 -25.09 -0.50
CA ASP A 349 -24.88 -26.02 -0.20
C ASP A 349 -25.44 -25.74 1.20
N GLY A 350 -25.81 -24.49 1.40
CA GLY A 350 -26.45 -24.06 2.62
C GLY A 350 -25.53 -24.12 3.82
N GLY A 351 -24.22 -24.19 3.57
CA GLY A 351 -23.25 -24.25 4.65
C GLY A 351 -22.77 -25.65 4.93
N LYS A 352 -23.36 -26.62 4.25
CA LYS A 352 -23.01 -28.04 4.42
C LYS A 352 -21.74 -28.41 3.67
N LYS A 353 -21.12 -27.43 3.01
CA LYS A 353 -19.83 -27.65 2.37
C LYS A 353 -18.82 -26.79 3.06
N GLU A 354 -17.71 -27.39 3.44
CA GLU A 354 -16.58 -26.62 3.92
C GLU A 354 -16.01 -25.75 2.80
N LEU A 355 -15.72 -24.50 3.11
CA LEU A 355 -15.09 -23.57 2.18
C LEU A 355 -13.71 -24.06 1.75
N THR A 356 -13.41 -24.02 0.46
CA THR A 356 -12.07 -24.38 -0.06
C THR A 356 -11.65 -23.28 -1.00
N TYR A 357 -10.39 -23.29 -1.40
CA TYR A 357 -9.94 -22.33 -2.39
C TYR A 357 -10.71 -22.42 -3.73
N ASP A 358 -10.98 -23.66 -4.14
CA ASP A 358 -11.66 -23.86 -5.42
C ASP A 358 -13.08 -23.28 -5.32
N LEU A 359 -13.73 -23.42 -4.17
CA LEU A 359 -15.09 -22.87 -4.04
C LEU A 359 -15.09 -21.33 -3.97
N LEU A 360 -14.02 -20.74 -3.42
CA LEU A 360 -13.86 -19.27 -3.47
C LEU A 360 -13.87 -18.83 -4.90
N GLN A 361 -13.27 -19.62 -5.80
CA GLN A 361 -13.33 -19.23 -7.24
C GLN A 361 -14.71 -19.29 -7.88
N GLU A 362 -15.66 -19.91 -7.21
CA GLU A 362 -17.03 -19.94 -7.71
C GLU A 362 -17.91 -18.94 -7.00
N MET A 363 -17.30 -17.95 -6.35
CA MET A 363 -18.09 -16.90 -5.69
C MET A 363 -17.86 -15.60 -6.42
N PRO A 364 -18.43 -15.46 -7.65
CA PRO A 364 -18.05 -14.25 -8.36
C PRO A 364 -18.53 -12.99 -7.67
N LEU A 365 -19.74 -12.93 -7.10
CA LEU A 365 -20.16 -11.69 -6.45
C LEU A 365 -19.26 -11.24 -5.30
N LEU A 366 -18.89 -12.21 -4.46
CA LEU A 366 -17.89 -11.94 -3.39
C LEU A 366 -16.60 -11.33 -3.98
N ASN A 367 -16.10 -11.96 -5.04
CA ASN A 367 -14.84 -11.47 -5.67
C ASN A 367 -15.01 -10.12 -6.35
N GLN A 368 -16.21 -9.86 -6.87
CA GLN A 368 -16.52 -8.56 -7.47
C GLN A 368 -16.62 -7.50 -6.41
N THR A 369 -17.03 -7.90 -5.21
CA THR A 369 -17.09 -6.98 -4.08
C THR A 369 -15.69 -6.54 -3.70
N ILE A 370 -14.79 -7.51 -3.60
CA ILE A 370 -13.37 -7.15 -3.37
C ILE A 370 -12.88 -6.23 -4.48
N LYS A 371 -13.12 -6.65 -5.73
CA LYS A 371 -12.65 -5.88 -6.89
C LYS A 371 -13.15 -4.44 -6.87
N GLU A 372 -14.42 -4.26 -6.52
CA GLU A 372 -15.06 -2.95 -6.55
C GLU A 372 -14.59 -2.09 -5.40
N THR A 373 -14.31 -2.73 -4.26
CA THR A 373 -13.72 -1.98 -3.17
C THR A 373 -12.32 -1.49 -3.50
N LEU A 374 -11.54 -2.37 -4.14
CA LEU A 374 -10.22 -1.97 -4.61
C LEU A 374 -10.31 -0.90 -5.69
N ARG A 375 -11.42 -0.86 -6.42
CA ARG A 375 -11.55 0.26 -7.36
C ARG A 375 -11.77 1.56 -6.58
N MET A 376 -12.74 1.56 -5.68
CA MET A 376 -13.06 2.80 -4.99
C MET A 376 -12.04 3.22 -3.97
N HIS A 377 -11.27 2.23 -3.51
CA HIS A 377 -10.31 2.49 -2.46
C HIS A 377 -8.97 1.82 -2.73
N HIS A 378 -8.29 2.30 -3.75
CA HIS A 378 -6.91 1.86 -3.99
C HIS A 378 -6.15 2.24 -2.75
N PRO A 379 -5.55 1.26 -2.09
CA PRO A 379 -4.85 1.52 -0.82
C PRO A 379 -3.69 2.51 -0.95
N LEU A 380 -3.06 2.61 -2.12
CA LEU A 380 -1.91 3.50 -2.24
C LEU A 380 -2.25 4.56 -3.24
N HIS A 381 -2.48 5.81 -2.79
CA HIS A 381 -3.01 6.81 -3.72
C HIS A 381 -1.97 7.25 -4.74
N SER A 382 -0.70 7.11 -4.38
CA SER A 382 0.39 7.55 -5.25
C SER A 382 1.51 6.51 -5.23
N LEU A 383 2.07 6.19 -6.39
CA LEU A 383 3.28 5.36 -6.40
C LEU A 383 4.37 6.22 -7.01
N PHE A 384 5.60 6.08 -6.53
CA PHE A 384 6.70 6.95 -6.96
C PHE A 384 7.86 6.21 -7.61
N ARG A 385 8.56 6.92 -8.49
CA ARG A 385 9.88 6.49 -8.93
C ARG A 385 10.79 7.72 -8.92
N LYS A 386 12.08 7.52 -8.71
CA LYS A 386 13.01 8.63 -8.89
C LYS A 386 13.54 8.59 -10.31
N VAL A 387 13.56 9.73 -10.98
CA VAL A 387 14.04 9.78 -12.36
C VAL A 387 15.57 9.73 -12.34
N MET A 388 16.16 8.73 -12.99
CA MET A 388 17.62 8.57 -12.99
C MET A 388 18.31 9.12 -14.24
N LYS A 389 17.57 9.21 -15.34
CA LYS A 389 18.06 9.77 -16.61
C LYS A 389 16.98 10.68 -17.16
N ASP A 390 17.37 11.76 -17.84
CA ASP A 390 16.39 12.66 -18.45
C ASP A 390 15.41 11.84 -19.29
N MET A 391 14.12 12.02 -19.05
CA MET A 391 13.11 11.26 -19.78
C MET A 391 12.28 12.16 -20.69
N HIS A 392 12.17 11.77 -21.97
CA HIS A 392 11.29 12.46 -22.89
C HIS A 392 9.88 11.88 -22.80
N VAL A 393 8.89 12.76 -22.72
CA VAL A 393 7.50 12.36 -22.72
C VAL A 393 6.95 12.43 -24.14
N PRO A 394 6.56 11.28 -24.71
CA PRO A 394 5.80 11.30 -25.96
C PRO A 394 4.35 11.59 -25.61
N ASN A 395 3.58 12.25 -26.47
CA ASN A 395 4.03 12.85 -27.71
C ASN A 395 4.10 14.32 -27.42
N THR A 396 5.18 14.74 -26.79
CA THR A 396 5.29 16.11 -26.29
C THR A 396 6.73 16.60 -26.47
N SER A 397 6.96 17.84 -26.09
CA SER A 397 8.32 18.37 -26.02
C SER A 397 8.87 18.34 -24.59
N TYR A 398 8.10 17.79 -23.66
CA TYR A 398 8.53 17.71 -22.26
C TYR A 398 9.71 16.76 -22.05
N VAL A 399 10.69 17.22 -21.27
CA VAL A 399 11.74 16.33 -20.76
C VAL A 399 11.66 16.33 -19.23
N ILE A 400 11.64 15.14 -18.64
CA ILE A 400 11.66 15.04 -17.19
C ILE A 400 13.10 14.74 -16.82
N PRO A 401 13.78 15.73 -16.21
CA PRO A 401 15.23 15.60 -15.99
C PRO A 401 15.55 14.70 -14.83
N ALA A 402 16.69 14.02 -14.87
CA ALA A 402 17.14 13.21 -13.75
C ALA A 402 17.08 14.06 -12.47
N GLY A 403 16.77 13.42 -11.34
CA GLY A 403 16.62 14.15 -10.09
C GLY A 403 15.17 14.46 -9.73
N TYR A 404 14.30 14.52 -10.73
CA TYR A 404 12.85 14.60 -10.50
C TYR A 404 12.33 13.26 -10.03
N HIS A 405 11.09 13.24 -9.57
CA HIS A 405 10.42 11.97 -9.29
C HIS A 405 9.22 11.92 -10.20
N VAL A 406 8.77 10.73 -10.56
CA VAL A 406 7.54 10.61 -11.29
C VAL A 406 6.55 9.99 -10.32
N LEU A 407 5.30 10.38 -10.46
CA LEU A 407 4.23 9.92 -9.59
C LEU A 407 3.11 9.44 -10.50
N VAL A 408 2.67 8.21 -10.23
CA VAL A 408 1.57 7.61 -10.96
C VAL A 408 0.43 7.28 -9.97
N SER A 409 -0.81 7.47 -10.41
CA SER A 409 -1.94 7.28 -9.50
C SER A 409 -3.05 6.52 -10.18
N PRO A 410 -2.94 5.18 -10.23
CA PRO A 410 -4.05 4.43 -10.80
C PRO A 410 -5.35 4.63 -9.98
N GLY A 411 -5.23 4.76 -8.66
CA GLY A 411 -6.42 5.00 -7.86
C GLY A 411 -7.19 6.26 -8.25
N TYR A 412 -6.52 7.27 -8.80
CA TYR A 412 -7.24 8.47 -9.24
C TYR A 412 -8.06 8.10 -10.48
N THR A 413 -7.45 7.33 -11.37
CA THR A 413 -8.18 6.92 -12.57
C THR A 413 -9.34 6.00 -12.25
N HIS A 414 -9.21 5.21 -11.18
CA HIS A 414 -10.32 4.36 -10.74
C HIS A 414 -11.57 5.15 -10.44
N LEU A 415 -11.39 6.42 -10.12
CA LEU A 415 -12.49 7.25 -9.66
C LEU A 415 -12.93 8.26 -10.74
N ARG A 416 -12.57 8.00 -11.99
CA ARG A 416 -13.00 8.88 -13.09
C ARG A 416 -14.16 8.28 -13.85
N ASP A 417 -15.24 9.07 -13.99
CA ASP A 417 -16.42 8.63 -14.71
C ASP A 417 -16.12 8.16 -16.14
N GLU A 418 -15.09 8.72 -16.76
CA GLU A 418 -14.78 8.37 -18.16
C GLU A 418 -14.40 6.90 -18.29
N TYR A 419 -13.76 6.37 -17.25
CA TYR A 419 -13.35 4.98 -17.29
C TYR A 419 -14.27 4.03 -16.51
N PHE A 420 -14.97 4.59 -15.54
CA PHE A 420 -15.93 3.80 -14.74
C PHE A 420 -17.19 4.63 -14.55
N PRO A 421 -18.23 4.35 -15.33
CA PRO A 421 -19.40 5.22 -15.24
C PRO A 421 -19.91 5.31 -13.80
N ASN A 422 -20.34 6.49 -13.39
CA ASN A 422 -20.79 6.73 -12.01
C ASN A 422 -19.78 6.17 -11.05
N ALA A 423 -18.55 6.67 -11.20
CA ALA A 423 -17.38 6.16 -10.50
C ALA A 423 -17.49 6.23 -8.99
N HIS A 424 -18.30 7.15 -8.51
CA HIS A 424 -18.40 7.34 -7.07
C HIS A 424 -19.49 6.49 -6.44
N GLN A 425 -20.09 5.65 -7.24
CA GLN A 425 -21.10 4.70 -6.77
C GLN A 425 -20.47 3.31 -6.59
N PHE A 426 -20.64 2.73 -5.41
CA PHE A 426 -20.24 1.35 -5.12
C PHE A 426 -21.23 0.42 -5.81
N ASN A 427 -20.78 -0.25 -6.87
CA ASN A 427 -21.63 -1.14 -7.63
C ASN A 427 -20.83 -2.39 -8.01
N ILE A 428 -21.04 -3.49 -7.30
CA ILE A 428 -20.26 -4.69 -7.57
C ILE A 428 -20.60 -5.26 -8.94
N HIS A 429 -21.78 -4.92 -9.42
CA HIS A 429 -22.28 -5.47 -10.66
C HIS A 429 -21.65 -4.82 -11.86
N ARG A 430 -20.93 -3.74 -11.65
CA ARG A 430 -20.16 -3.22 -12.79
C ARG A 430 -19.13 -4.28 -13.24
N TRP A 431 -18.80 -5.24 -12.37
CA TRP A 431 -17.85 -6.30 -12.75
C TRP A 431 -18.51 -7.60 -13.19
N ASN A 432 -19.81 -7.57 -13.51
CA ASN A 432 -20.53 -8.78 -13.92
C ASN A 432 -19.83 -9.42 -15.12
N ASN A 433 -19.65 -10.74 -15.09
CA ASN A 433 -18.88 -11.40 -16.16
C ASN A 433 -17.43 -10.87 -16.22
N ASP A 434 -16.95 -10.37 -15.09
CA ASP A 434 -15.56 -9.93 -14.98
C ASP A 434 -15.11 -9.98 -13.53
N SER A 435 -15.07 -11.17 -12.95
CA SER A 435 -14.79 -11.32 -11.51
C SER A 435 -13.31 -11.45 -11.16
N ALA A 436 -12.45 -11.59 -12.15
CA ALA A 436 -11.03 -11.83 -11.91
C ALA A 436 -10.35 -10.65 -11.21
N SER A 437 -9.46 -10.95 -10.27
CA SER A 437 -8.73 -9.93 -9.54
C SER A 437 -8.03 -8.92 -10.49
N SER A 438 -7.63 -9.43 -11.64
CA SER A 438 -6.99 -8.63 -12.68
C SER A 438 -6.84 -9.53 -13.91
N TYR A 439 -6.86 -8.92 -15.08
CA TYR A 439 -6.77 -9.66 -16.33
C TYR A 439 -5.72 -8.98 -17.21
N SER A 440 -4.73 -9.76 -17.68
CA SER A 440 -3.79 -9.24 -18.66
C SER A 440 -4.46 -9.38 -20.03
N VAL A 441 -4.77 -8.24 -20.67
CA VAL A 441 -5.58 -8.23 -21.91
C VAL A 441 -4.80 -8.56 -23.19
N GLY A 442 -3.58 -9.05 -23.03
CA GLY A 442 -2.80 -9.48 -24.20
C GLY A 442 -1.44 -10.06 -23.91
N GLU A 443 -0.42 -9.41 -24.47
CA GLU A 443 0.94 -9.93 -24.41
C GLU A 443 1.47 -9.93 -22.98
N GLU A 444 2.29 -10.91 -22.64
CA GLU A 444 2.94 -10.95 -21.32
C GLU A 444 4.45 -10.77 -21.45
N VAL A 445 5.11 -10.62 -20.30
CA VAL A 445 6.55 -10.41 -20.24
C VAL A 445 6.95 -10.84 -18.85
N ASP A 446 8.22 -11.20 -18.66
CA ASP A 446 8.64 -11.75 -17.39
C ASP A 446 9.91 -11.02 -16.99
N TYR A 447 9.88 -10.39 -15.82
CA TYR A 447 10.95 -9.54 -15.34
C TYR A 447 11.77 -10.33 -14.36
N GLY A 448 11.36 -11.57 -14.11
CA GLY A 448 12.11 -12.44 -13.24
C GLY A 448 11.26 -13.12 -12.19
N PHE A 449 9.99 -12.74 -12.09
CA PHE A 449 9.14 -13.36 -11.07
C PHE A 449 7.87 -13.94 -11.69
N GLY A 450 7.91 -14.19 -13.00
CA GLY A 450 6.78 -14.78 -13.69
C GLY A 450 6.20 -13.88 -14.75
N ALA A 451 5.44 -14.48 -15.66
CA ALA A 451 4.81 -13.72 -16.74
C ALA A 451 3.68 -12.84 -16.20
N ILE A 452 3.74 -11.55 -16.52
CA ILE A 452 2.71 -10.61 -16.15
C ILE A 452 2.40 -9.78 -17.39
N SER A 453 1.33 -8.99 -17.34
CA SER A 453 0.92 -8.18 -18.49
C SER A 453 2.00 -7.22 -18.96
N LYS A 454 2.29 -7.25 -20.26
CA LYS A 454 3.26 -6.33 -20.83
C LYS A 454 2.73 -4.90 -20.87
N GLY A 455 1.47 -4.72 -21.27
CA GLY A 455 0.81 -3.43 -21.22
C GLY A 455 0.30 -3.09 -19.81
N VAL A 456 0.42 -1.83 -19.44
CA VAL A 456 -0.06 -1.41 -18.16
C VAL A 456 -1.00 -0.24 -18.40
N SER A 457 -1.76 -0.31 -19.48
CA SER A 457 -2.70 0.74 -19.84
C SER A 457 -4.10 0.57 -19.30
N SER A 458 -4.36 -0.53 -18.60
CA SER A 458 -5.67 -0.70 -17.97
C SER A 458 -5.95 0.49 -17.02
N PRO A 459 -7.16 1.07 -17.11
CA PRO A 459 -7.50 2.15 -16.18
C PRO A 459 -7.64 1.61 -14.75
N TYR A 460 -7.82 0.29 -14.61
CA TYR A 460 -7.90 -0.39 -13.31
C TYR A 460 -6.59 -1.09 -13.05
N LEU A 461 -5.85 -0.61 -12.07
CA LEU A 461 -4.56 -1.22 -11.68
C LEU A 461 -4.35 -1.16 -10.20
N PRO A 462 -5.18 -1.87 -9.44
CA PRO A 462 -5.01 -1.84 -8.00
C PRO A 462 -3.68 -2.50 -7.61
N PHE A 463 -3.08 -3.32 -8.46
CA PHE A 463 -1.84 -4.02 -8.06
C PHE A 463 -0.62 -3.51 -8.84
N GLY A 464 -0.76 -2.33 -9.43
CA GLY A 464 0.31 -1.74 -10.21
C GLY A 464 0.61 -2.52 -11.48
N GLY A 465 1.85 -2.48 -11.94
CA GLY A 465 2.20 -3.19 -13.16
C GLY A 465 3.68 -2.97 -13.42
N GLY A 466 4.22 -3.72 -14.38
CA GLY A 466 5.62 -3.61 -14.73
C GLY A 466 6.45 -4.36 -13.71
N ARG A 467 7.74 -4.06 -13.65
CA ARG A 467 8.62 -4.84 -12.79
C ARG A 467 8.28 -4.79 -11.30
N HIS A 468 7.72 -3.67 -10.85
CA HIS A 468 7.36 -3.54 -9.44
C HIS A 468 5.96 -4.03 -9.07
N ARG A 469 5.27 -4.67 -10.02
CA ARG A 469 3.90 -5.18 -9.81
C ARG A 469 3.78 -6.03 -8.53
N CYS A 470 2.64 -5.92 -7.85
CA CYS A 470 2.38 -6.69 -6.63
C CYS A 470 2.45 -8.19 -6.94
N ILE A 471 2.95 -8.99 -6.01
CA ILE A 471 2.89 -10.43 -6.24
C ILE A 471 1.93 -11.03 -5.23
N GLY A 472 1.28 -10.16 -4.47
CA GLY A 472 0.43 -10.61 -3.37
C GLY A 472 -1.03 -10.65 -3.74
N GLU A 473 -1.34 -10.38 -5.02
CA GLU A 473 -2.75 -10.23 -5.39
C GLU A 473 -3.58 -11.47 -5.10
N HIS A 474 -3.03 -12.64 -5.37
CA HIS A 474 -3.85 -13.83 -5.22
C HIS A 474 -3.94 -14.18 -3.75
N PHE A 475 -2.85 -13.96 -3.01
CA PHE A 475 -2.95 -14.11 -1.55
C PHE A 475 -4.03 -13.18 -0.99
N ALA A 476 -4.03 -11.93 -1.42
CA ALA A 476 -4.99 -10.98 -0.88
C ALA A 476 -6.41 -11.41 -1.18
N TYR A 477 -6.67 -11.88 -2.40
CA TYR A 477 -8.02 -12.32 -2.71
C TYR A 477 -8.37 -13.56 -1.90
N CYS A 478 -7.41 -14.43 -1.66
CA CYS A 478 -7.71 -15.63 -0.87
C CYS A 478 -8.08 -15.23 0.56
N GLN A 479 -7.25 -14.37 1.15
CA GLN A 479 -7.43 -13.90 2.52
C GLN A 479 -8.74 -13.11 2.69
N LEU A 480 -8.91 -12.07 1.88
CA LEU A 480 -10.17 -11.30 1.83
C LEU A 480 -11.38 -12.17 1.52
N GLY A 481 -11.22 -13.12 0.60
CA GLY A 481 -12.31 -14.03 0.24
C GLY A 481 -12.81 -14.87 1.40
N VAL A 482 -11.87 -15.49 2.09
CA VAL A 482 -12.24 -16.30 3.24
C VAL A 482 -12.85 -15.46 4.33
N LEU A 483 -12.18 -14.35 4.63
CA LEU A 483 -12.63 -13.48 5.70
C LEU A 483 -14.06 -13.00 5.43
N MET A 484 -14.29 -12.51 4.21
CA MET A 484 -15.64 -12.00 3.90
C MET A 484 -16.69 -13.09 3.75
N SER A 485 -16.31 -14.23 3.21
CA SER A 485 -17.22 -15.37 3.17
C SER A 485 -17.77 -15.69 4.58
N ILE A 486 -16.86 -15.72 5.56
CA ILE A 486 -17.26 -15.99 6.95
C ILE A 486 -18.06 -14.86 7.61
N PHE A 487 -17.66 -13.61 7.38
CA PHE A 487 -18.41 -12.49 7.90
C PHE A 487 -19.85 -12.53 7.41
N ILE A 488 -20.00 -12.74 6.10
CA ILE A 488 -21.33 -12.79 5.46
C ILE A 488 -22.16 -13.96 5.96
N ARG A 489 -21.55 -15.14 6.07
CA ARG A 489 -22.34 -16.30 6.55
C ARG A 489 -22.71 -16.18 8.04
N THR A 490 -21.94 -15.40 8.80
CA THR A 490 -22.11 -15.36 10.26
C THR A 490 -22.91 -14.16 10.77
N LEU A 491 -22.73 -13.00 10.14
CA LEU A 491 -23.18 -11.74 10.71
C LEU A 491 -23.94 -10.94 9.68
N LYS A 492 -24.85 -10.09 10.14
CA LYS A 492 -25.36 -8.97 9.36
C LYS A 492 -24.78 -7.77 10.08
N TRP A 493 -24.63 -6.65 9.39
CA TRP A 493 -24.14 -5.45 10.05
C TRP A 493 -24.67 -4.19 9.40
N HIS A 494 -24.68 -3.09 10.16
CA HIS A 494 -25.26 -1.83 9.67
C HIS A 494 -24.58 -0.70 10.42
N TYR A 495 -24.88 0.53 10.06
CA TYR A 495 -24.30 1.71 10.73
C TYR A 495 -25.09 2.14 11.94
N PRO A 496 -24.40 2.75 12.92
CA PRO A 496 -25.13 3.48 13.96
C PRO A 496 -25.96 4.58 13.28
N GLU A 497 -27.06 5.00 13.91
CA GLU A 497 -27.97 5.96 13.27
C GLU A 497 -27.22 7.21 12.80
N GLY A 498 -27.55 7.69 11.60
CA GLY A 498 -26.90 8.87 11.06
C GLY A 498 -25.45 8.73 10.61
N LYS A 499 -24.93 7.51 10.62
CA LYS A 499 -23.55 7.28 10.16
C LYS A 499 -23.54 6.75 8.73
N THR A 500 -22.48 7.03 8.01
CA THR A 500 -22.36 6.46 6.66
C THR A 500 -20.89 6.20 6.37
N VAL A 501 -20.59 5.81 5.13
CA VAL A 501 -19.22 5.52 4.74
C VAL A 501 -18.35 6.73 5.04
N PRO A 502 -17.25 6.52 5.77
CA PRO A 502 -16.37 7.65 6.05
C PRO A 502 -15.51 8.02 4.84
N PRO A 503 -15.04 9.28 4.82
CA PRO A 503 -14.10 9.69 3.77
C PRO A 503 -12.74 9.10 4.08
N PRO A 504 -11.91 8.87 3.05
CA PRO A 504 -10.58 8.28 3.26
C PRO A 504 -9.68 9.19 4.04
N ASP A 505 -8.76 8.64 4.80
CA ASP A 505 -7.67 9.42 5.37
C ASP A 505 -6.46 9.24 4.46
N PHE A 506 -6.11 10.29 3.72
CA PHE A 506 -5.00 10.21 2.77
C PHE A 506 -3.62 10.50 3.39
N THR A 507 -3.58 10.92 4.64
CA THR A 507 -2.32 11.31 5.28
C THR A 507 -1.46 10.11 5.65
N SER A 508 -2.16 9.01 5.93
CA SER A 508 -1.57 7.74 6.33
C SER A 508 -0.79 7.05 5.21
N MET A 509 -0.19 5.91 5.54
CA MET A 509 0.51 5.09 4.55
C MET A 509 -0.43 4.46 3.51
N VAL A 510 -1.66 4.17 3.92
CA VAL A 510 -2.67 3.70 2.99
C VAL A 510 -3.91 4.58 3.08
N THR A 511 -4.80 4.51 2.09
CA THR A 511 -5.97 5.37 2.09
C THR A 511 -7.06 4.81 3.01
N LEU A 512 -6.72 4.52 4.25
CA LEU A 512 -7.68 3.92 5.18
C LEU A 512 -8.86 4.85 5.50
N PRO A 513 -9.96 4.28 6.00
CA PRO A 513 -11.07 5.15 6.38
C PRO A 513 -10.74 6.05 7.57
N THR A 514 -11.29 7.25 7.56
CA THR A 514 -11.22 8.18 8.68
C THR A 514 -12.02 7.55 9.83
N GLY A 515 -11.37 7.36 10.97
CA GLY A 515 -12.01 6.73 12.12
C GLY A 515 -12.58 7.73 13.11
N PRO A 516 -13.22 7.23 14.19
CA PRO A 516 -13.62 5.83 14.31
C PRO A 516 -14.71 5.48 13.30
N ALA A 517 -14.52 4.36 12.63
CA ALA A 517 -15.47 3.92 11.62
C ALA A 517 -16.17 2.69 12.19
N LYS A 518 -17.34 2.91 12.78
CA LYS A 518 -17.99 1.88 13.57
C LYS A 518 -19.13 1.24 12.82
N ILE A 519 -19.27 -0.07 13.01
CA ILE A 519 -20.45 -0.76 12.49
C ILE A 519 -21.02 -1.58 13.63
N ILE A 520 -22.32 -1.83 13.57
CA ILE A 520 -23.00 -2.68 14.52
C ILE A 520 -23.25 -4.02 13.84
N TRP A 521 -22.78 -5.09 14.46
CA TRP A 521 -23.05 -6.42 13.93
C TRP A 521 -24.09 -7.14 14.76
N GLU A 522 -24.66 -8.17 14.14
CA GLU A 522 -25.58 -9.02 14.83
C GLU A 522 -25.47 -10.39 14.20
N LYS A 523 -25.58 -11.42 15.03
CA LYS A 523 -25.48 -12.80 14.55
C LYS A 523 -26.67 -13.19 13.68
N ARG A 524 -26.41 -13.82 12.53
CA ARG A 524 -27.50 -14.33 11.73
C ARG A 524 -28.18 -15.49 12.47
N ASN A 525 -27.38 -16.24 13.23
CA ASN A 525 -27.90 -17.33 14.05
C ASN A 525 -27.44 -17.15 15.49
N PRO A 526 -28.22 -16.40 16.29
CA PRO A 526 -27.87 -16.03 17.67
C PRO A 526 -27.41 -17.22 18.51
N GLU A 527 -27.95 -18.41 18.23
CA GLU A 527 -27.68 -19.60 19.03
C GLU A 527 -26.46 -20.39 18.55
N GLN A 528 -25.90 -20.00 17.39
CA GLN A 528 -24.74 -20.70 16.83
C GLN A 528 -23.54 -20.56 17.77
N LYS A 529 -22.82 -21.66 17.97
CA LYS A 529 -21.65 -21.64 18.86
C LYS A 529 -20.41 -21.95 18.05
N ILE A 530 -19.32 -21.26 18.34
CA ILE A 530 -18.03 -21.60 17.74
C ILE A 530 -17.29 -22.47 18.76
N GLY A 531 -16.92 -23.69 18.37
CA GLY A 531 -16.33 -24.67 19.27
C GLY A 531 -14.85 -24.44 19.48
N GLY A 532 -14.18 -25.37 20.17
CA GLY A 532 -12.76 -25.21 20.48
C GLY A 532 -12.55 -24.62 21.87
N ARG A 533 -11.38 -24.83 22.45
CA ARG A 533 -11.14 -24.37 23.81
C ARG A 533 -10.64 -22.92 23.85
N HIS A 534 -11.08 -22.18 24.85
CA HIS A 534 -10.55 -20.85 25.13
C HIS A 534 -10.63 -20.57 26.62
N HIS A 535 -9.92 -19.55 27.07
CA HIS A 535 -9.90 -19.18 28.49
C HIS A 535 -10.76 -17.94 28.73
#